data_2D1O
#
_entry.id   2D1O
#
_cell.length_a   105.360
_cell.length_b   50.950
_cell.length_c   80.790
_cell.angle_alpha   90.00
_cell.angle_beta   105.00
_cell.angle_gamma   90.00
#
_symmetry.space_group_name_H-M   'C 1 2 1'
#
loop_
_entity.id
_entity.type
_entity.pdbx_description
1 polymer Stromelysin-1
2 non-polymer 'ZINC ION'
3 non-polymer 'CALCIUM ION'
4 non-polymer SM-25453
5 water water
#
_entity_poly.entity_id   1
_entity_poly.type   'polypeptide(L)'
_entity_poly.pdbx_seq_one_letter_code
;FRTFPGIPKWRKTHLTYRIVNYTPDLPKDAVDSAVEKALKVWEEVTPLTFSRLYEGEADIMISFAVREHGDFYPFDGPGN
VLAHAYAPGPGINGDAHFDDDEQWTKDTTGTNLFLVAAHEIGHSLGLFHSANTEALMYPLYHSLTDLTRFRLSQDDINGI
QSLYGPPPDSP
;
_entity_poly.pdbx_strand_id   A,B
#
# COMPACT_ATOMS: atom_id res chain seq x y z
N PHE A 1 17.04 -1.84 3.99
CA PHE A 1 16.64 -0.50 4.50
C PHE A 1 17.65 0.54 4.05
N ARG A 2 17.32 1.82 4.24
CA ARG A 2 18.23 2.90 3.88
C ARG A 2 18.30 3.93 5.00
N THR A 3 19.47 4.53 5.16
CA THR A 3 19.67 5.57 6.18
C THR A 3 19.97 6.87 5.43
N PHE A 4 20.25 7.92 6.18
CA PHE A 4 20.58 9.22 5.58
C PHE A 4 22.09 9.29 5.35
N PRO A 5 22.52 10.12 4.38
CA PRO A 5 23.95 10.28 4.08
C PRO A 5 24.72 10.66 5.33
N GLY A 6 25.84 10.00 5.57
CA GLY A 6 26.65 10.29 6.73
C GLY A 6 26.14 9.52 7.94
N ILE A 7 25.03 8.82 7.75
CA ILE A 7 24.42 8.03 8.80
C ILE A 7 24.22 8.79 10.10
N PRO A 8 23.43 9.88 10.06
CA PRO A 8 23.19 10.67 11.27
C PRO A 8 22.32 9.88 12.25
N LYS A 9 22.60 10.02 13.55
CA LYS A 9 21.85 9.32 14.59
C LYS A 9 21.97 10.08 15.90
N TRP A 10 20.99 9.90 16.79
CA TRP A 10 21.01 10.55 18.09
C TRP A 10 22.14 9.92 18.91
N ARG A 11 22.90 10.75 19.63
CA ARG A 11 24.01 10.28 20.44
C ARG A 11 23.60 10.12 21.90
N LYS A 12 22.32 9.91 22.13
CA LYS A 12 21.79 9.73 23.48
C LYS A 12 20.57 8.82 23.41
N THR A 13 20.25 8.18 24.53
CA THR A 13 19.13 7.26 24.55
C THR A 13 17.81 7.89 24.99
N HIS A 14 17.89 8.88 25.88
CA HIS A 14 16.68 9.52 26.38
C HIS A 14 16.34 10.75 25.53
N LEU A 15 15.35 10.62 24.66
CA LEU A 15 14.95 11.73 23.79
C LEU A 15 13.69 12.45 24.24
N THR A 16 13.53 13.68 23.78
CA THR A 16 12.34 14.46 24.14
C THR A 16 11.61 14.92 22.89
N TYR A 17 10.30 15.11 23.03
CA TYR A 17 9.50 15.58 21.93
C TYR A 17 8.53 16.63 22.43
N ARG A 18 7.97 17.40 21.51
CA ARG A 18 7.01 18.45 21.86
C ARG A 18 6.07 18.77 20.70
N ILE A 19 4.78 18.85 21.01
CA ILE A 19 3.78 19.19 20.02
C ILE A 19 3.65 20.72 20.06
N VAL A 20 4.17 21.36 19.01
CA VAL A 20 4.20 22.82 18.88
C VAL A 20 2.83 23.48 18.69
N ASN A 21 1.98 22.85 17.90
CA ASN A 21 0.65 23.38 17.66
C ASN A 21 -0.32 22.25 17.42
N TYR A 22 -1.60 22.59 17.31
CA TYR A 22 -2.63 21.58 17.09
C TYR A 22 -3.52 21.83 15.89
N THR A 23 -3.91 20.74 15.23
CA THR A 23 -4.78 20.81 14.06
C THR A 23 -6.24 20.92 14.51
N PRO A 24 -7.09 21.58 13.71
CA PRO A 24 -8.50 21.74 14.04
C PRO A 24 -9.25 20.43 13.82
N ASP A 25 -8.67 19.58 12.96
CA ASP A 25 -9.26 18.29 12.59
C ASP A 25 -9.65 17.37 13.75
N LEU A 26 -8.82 17.32 14.79
CA LEU A 26 -9.08 16.44 15.91
C LEU A 26 -8.93 17.12 17.26
N PRO A 27 -9.51 16.53 18.31
CA PRO A 27 -9.38 17.15 19.64
C PRO A 27 -7.93 16.94 20.10
N LYS A 28 -7.47 17.78 21.02
CA LYS A 28 -6.10 17.69 21.50
C LYS A 28 -5.67 16.31 21.99
N ASP A 29 -6.52 15.66 22.77
CA ASP A 29 -6.19 14.33 23.28
C ASP A 29 -5.95 13.30 22.19
N ALA A 30 -6.66 13.44 21.08
CA ALA A 30 -6.53 12.51 19.97
C ALA A 30 -5.16 12.67 19.29
N VAL A 31 -4.66 13.91 19.25
CA VAL A 31 -3.36 14.19 18.65
C VAL A 31 -2.24 13.65 19.54
N ASP A 32 -2.34 13.93 20.83
CA ASP A 32 -1.33 13.49 21.78
C ASP A 32 -1.22 11.97 21.81
N SER A 33 -2.37 11.31 21.76
CA SER A 33 -2.43 9.86 21.79
C SER A 33 -1.78 9.23 20.58
N ALA A 34 -2.09 9.77 19.41
CA ALA A 34 -1.55 9.25 18.15
C ALA A 34 -0.02 9.35 18.15
N VAL A 35 0.50 10.48 18.61
CA VAL A 35 1.94 10.69 18.65
C VAL A 35 2.61 9.74 19.63
N GLU A 36 2.00 9.57 20.80
CA GLU A 36 2.54 8.69 21.83
C GLU A 36 2.61 7.26 21.32
N LYS A 37 1.57 6.84 20.62
CA LYS A 37 1.53 5.50 20.06
C LYS A 37 2.60 5.32 18.99
N ALA A 38 2.80 6.34 18.17
CA ALA A 38 3.80 6.29 17.11
C ALA A 38 5.20 6.13 17.72
N LEU A 39 5.44 6.83 18.82
CA LEU A 39 6.73 6.75 19.50
C LEU A 39 6.92 5.37 20.13
N LYS A 40 5.84 4.79 20.67
CA LYS A 40 5.90 3.49 21.32
C LYS A 40 6.37 2.39 20.37
N VAL A 41 5.97 2.49 19.11
CA VAL A 41 6.37 1.51 18.10
C VAL A 41 7.89 1.38 18.01
N TRP A 42 8.58 2.51 18.08
CA TRP A 42 10.03 2.46 17.99
C TRP A 42 10.73 2.17 19.31
N GLU A 43 10.17 2.68 20.40
CA GLU A 43 10.76 2.46 21.73
C GLU A 43 10.84 0.97 22.07
N GLU A 44 9.91 0.19 21.53
CA GLU A 44 9.91 -1.23 21.83
C GLU A 44 10.88 -2.09 21.04
N VAL A 45 11.56 -1.51 20.05
CA VAL A 45 12.52 -2.26 19.25
C VAL A 45 13.92 -1.67 19.38
N THR A 46 14.10 -0.76 20.34
CA THR A 46 15.38 -0.11 20.59
C THR A 46 15.55 0.18 22.08
N PRO A 47 16.73 0.66 22.50
CA PRO A 47 16.96 0.98 23.91
C PRO A 47 16.61 2.45 24.15
N LEU A 48 15.88 3.03 23.21
CA LEU A 48 15.50 4.43 23.32
C LEU A 48 14.21 4.63 24.09
N THR A 49 14.03 5.83 24.63
CA THR A 49 12.81 6.16 25.36
C THR A 49 12.49 7.62 25.07
N PHE A 50 11.24 8.01 25.29
CA PHE A 50 10.83 9.38 24.99
C PHE A 50 10.09 10.05 26.13
N SER A 51 10.35 11.35 26.31
CA SER A 51 9.68 12.13 27.33
C SER A 51 9.14 13.41 26.67
N ARG A 52 7.96 13.84 27.11
CA ARG A 52 7.33 15.01 26.55
C ARG A 52 7.65 16.32 27.27
N LEU A 53 7.84 17.38 26.49
CA LEU A 53 8.11 18.69 27.05
C LEU A 53 6.93 19.57 26.64
N TYR A 54 6.59 20.55 27.48
CA TYR A 54 5.49 21.45 27.15
C TYR A 54 6.01 22.84 26.86
N GLU A 55 7.32 23.03 26.97
CA GLU A 55 7.95 24.31 26.71
C GLU A 55 9.43 24.12 26.44
N GLY A 56 10.02 25.03 25.67
CA GLY A 56 11.43 24.92 25.35
C GLY A 56 11.68 24.19 24.04
N GLU A 57 12.93 23.82 23.81
CA GLU A 57 13.29 23.13 22.59
C GLU A 57 13.53 21.64 22.82
N ALA A 58 12.62 20.82 22.33
CA ALA A 58 12.76 19.37 22.46
C ALA A 58 13.51 18.89 21.24
N ASP A 59 13.99 17.65 21.29
CA ASP A 59 14.73 17.06 20.16
C ASP A 59 13.79 16.97 18.95
N ILE A 60 12.62 16.37 19.16
CA ILE A 60 11.64 16.21 18.10
C ILE A 60 10.46 17.16 18.25
N MET A 61 10.48 18.23 17.44
CA MET A 61 9.41 19.21 17.46
C MET A 61 8.38 18.80 16.41
N ILE A 62 7.13 18.62 16.85
CA ILE A 62 6.03 18.21 15.98
C ILE A 62 5.02 19.33 15.77
N SER A 63 4.68 19.61 14.52
CA SER A 63 3.72 20.67 14.22
C SER A 63 2.92 20.43 12.95
N PHE A 64 1.84 21.18 12.79
CA PHE A 64 0.98 21.08 11.61
C PHE A 64 1.13 22.39 10.83
N ALA A 65 1.18 22.29 9.52
CA ALA A 65 1.34 23.47 8.67
C ALA A 65 0.69 23.25 7.32
N VAL A 66 0.60 24.31 6.53
CA VAL A 66 0.01 24.25 5.21
C VAL A 66 0.87 25.08 4.26
N ARG A 67 0.98 24.63 3.02
CA ARG A 67 1.76 25.35 2.00
C ARG A 67 3.13 25.76 2.53
N GLU A 68 3.54 26.99 2.26
CA GLU A 68 4.83 27.49 2.72
C GLU A 68 4.76 27.70 4.22
N HIS A 69 5.71 27.13 4.95
CA HIS A 69 5.68 27.27 6.41
C HIS A 69 7.04 27.51 7.08
N GLY A 70 8.02 28.00 6.34
CA GLY A 70 9.31 28.27 6.95
C GLY A 70 10.52 27.54 6.41
N ASP A 71 10.33 26.32 5.94
CA ASP A 71 11.46 25.57 5.39
C ASP A 71 11.50 25.58 3.86
N PHE A 72 12.47 24.87 3.30
CA PHE A 72 12.65 24.81 1.85
C PHE A 72 11.70 23.85 1.15
N TYR A 73 10.78 23.26 1.91
CA TYR A 73 9.85 22.30 1.33
C TYR A 73 8.39 22.60 1.68
N PRO A 74 7.76 23.48 0.91
CA PRO A 74 6.35 23.81 1.18
C PRO A 74 5.41 22.64 0.88
N PHE A 75 4.28 22.59 1.58
CA PHE A 75 3.33 21.52 1.34
C PHE A 75 2.54 21.82 0.07
N ASP A 76 1.92 20.78 -0.48
CA ASP A 76 1.21 20.88 -1.75
C ASP A 76 -0.31 20.90 -1.67
N GLY A 77 -0.86 21.10 -0.49
CA GLY A 77 -2.30 21.11 -0.34
C GLY A 77 -2.84 19.71 -0.10
N PRO A 78 -4.16 19.50 -0.26
CA PRO A 78 -4.78 18.19 -0.04
C PRO A 78 -4.24 17.11 -0.97
N GLY A 79 -3.92 15.95 -0.39
CA GLY A 79 -3.40 14.84 -1.18
C GLY A 79 -1.90 14.88 -1.39
N ASN A 80 -1.37 13.87 -2.07
CA ASN A 80 0.06 13.76 -2.35
C ASN A 80 0.92 13.76 -1.10
N VAL A 81 1.76 14.78 -0.92
CA VAL A 81 2.61 14.83 0.26
C VAL A 81 1.74 14.99 1.50
N LEU A 82 1.91 14.09 2.45
CA LEU A 82 1.14 14.12 3.68
C LEU A 82 1.93 14.73 4.83
N ALA A 83 3.24 14.54 4.82
CA ALA A 83 4.08 15.06 5.89
C ALA A 83 5.56 14.80 5.58
N HIS A 84 6.44 15.44 6.33
CA HIS A 84 7.86 15.22 6.14
C HIS A 84 8.62 15.45 7.44
N ALA A 85 9.76 14.79 7.57
CA ALA A 85 10.57 14.92 8.79
C ALA A 85 12.04 15.02 8.44
N TYR A 86 12.84 15.44 9.41
CA TYR A 86 14.28 15.61 9.20
C TYR A 86 15.13 14.63 10.01
N ALA A 87 16.27 14.24 9.43
CA ALA A 87 17.18 13.31 10.08
C ALA A 87 17.66 13.84 11.43
N PRO A 88 18.16 12.95 12.29
CA PRO A 88 18.66 13.35 13.61
C PRO A 88 19.70 14.46 13.55
N GLY A 89 19.63 15.36 14.52
CA GLY A 89 20.57 16.45 14.57
C GLY A 89 19.99 17.62 15.34
N PRO A 90 20.72 18.73 15.46
CA PRO A 90 20.23 19.90 16.19
C PRO A 90 19.27 20.75 15.37
N GLY A 91 18.56 21.65 16.05
CA GLY A 91 17.64 22.54 15.38
C GLY A 91 16.46 21.87 14.70
N ILE A 92 16.25 22.23 13.44
CA ILE A 92 15.13 21.69 12.68
C ILE A 92 15.28 20.18 12.46
N ASN A 93 16.51 19.68 12.57
CA ASN A 93 16.75 18.24 12.39
C ASN A 93 15.99 17.44 13.44
N GLY A 94 15.42 16.33 13.01
CA GLY A 94 14.66 15.48 13.91
C GLY A 94 13.20 15.91 14.01
N ASP A 95 12.87 17.08 13.48
CA ASP A 95 11.50 17.59 13.55
C ASP A 95 10.60 16.97 12.48
N ALA A 96 9.30 16.99 12.75
CA ALA A 96 8.32 16.43 11.83
C ALA A 96 7.18 17.42 11.62
N HIS A 97 6.82 17.63 10.36
CA HIS A 97 5.76 18.55 9.97
C HIS A 97 4.66 17.80 9.23
N PHE A 98 3.42 18.05 9.62
CA PHE A 98 2.25 17.42 9.02
C PHE A 98 1.43 18.43 8.23
N ASP A 99 1.10 18.06 6.99
CA ASP A 99 0.33 18.92 6.09
C ASP A 99 -1.12 18.97 6.58
N ASP A 100 -1.55 20.12 7.09
CA ASP A 100 -2.91 20.22 7.59
C ASP A 100 -3.99 20.39 6.52
N ASP A 101 -3.57 20.39 5.26
CA ASP A 101 -4.53 20.46 4.18
C ASP A 101 -5.11 19.05 4.02
N GLU A 102 -4.57 18.13 4.82
CA GLU A 102 -5.07 16.75 4.83
C GLU A 102 -6.09 16.70 5.96
N GLN A 103 -6.99 15.72 5.91
CA GLN A 103 -8.00 15.54 6.95
C GLN A 103 -7.50 14.45 7.90
N TRP A 104 -6.84 14.85 8.98
CA TRP A 104 -6.31 13.90 9.94
C TRP A 104 -7.39 13.28 10.83
N THR A 105 -7.44 11.95 10.87
CA THR A 105 -8.43 11.24 11.67
C THR A 105 -7.81 10.20 12.59
N LYS A 106 -8.58 9.73 13.57
CA LYS A 106 -8.09 8.72 14.51
C LYS A 106 -8.22 7.34 13.87
N ASP A 107 -9.06 7.25 12.85
CA ASP A 107 -9.30 5.99 12.14
C ASP A 107 -8.80 6.13 10.71
N THR A 108 -9.35 5.34 9.80
CA THR A 108 -8.93 5.39 8.41
C THR A 108 -9.94 6.05 7.46
N THR A 109 -10.96 6.71 8.01
CA THR A 109 -11.94 7.39 7.19
C THR A 109 -11.28 8.51 6.41
N GLY A 110 -10.22 9.08 6.99
CA GLY A 110 -9.50 10.14 6.32
C GLY A 110 -8.04 9.74 6.24
N THR A 111 -7.17 10.57 6.81
CA THR A 111 -5.74 10.26 6.81
C THR A 111 -5.39 9.96 8.26
N ASN A 112 -5.10 8.69 8.54
CA ASN A 112 -4.76 8.28 9.90
C ASN A 112 -3.44 8.88 10.37
N LEU A 113 -3.53 9.73 11.39
CA LEU A 113 -2.36 10.40 11.95
C LEU A 113 -1.33 9.43 12.50
N PHE A 114 -1.80 8.41 13.21
CA PHE A 114 -0.89 7.43 13.81
C PHE A 114 0.05 6.77 12.82
N LEU A 115 -0.50 6.26 11.72
CA LEU A 115 0.29 5.59 10.70
C LEU A 115 1.33 6.51 10.07
N VAL A 116 0.90 7.72 9.70
CA VAL A 116 1.81 8.66 9.09
C VAL A 116 2.87 9.11 10.11
N ALA A 117 2.45 9.31 11.35
CA ALA A 117 3.37 9.74 12.41
C ALA A 117 4.44 8.68 12.66
N ALA A 118 4.03 7.40 12.65
CA ALA A 118 4.98 6.31 12.87
C ALA A 118 6.08 6.35 11.81
N HIS A 119 5.68 6.60 10.57
CA HIS A 119 6.60 6.69 9.43
C HIS A 119 7.55 7.88 9.60
N GLU A 120 6.99 9.02 10.00
CA GLU A 120 7.77 10.24 10.18
C GLU A 120 8.79 10.12 11.30
N ILE A 121 8.42 9.46 12.40
CA ILE A 121 9.33 9.29 13.51
C ILE A 121 10.49 8.42 13.04
N GLY A 122 10.20 7.56 12.06
CA GLY A 122 11.25 6.73 11.50
C GLY A 122 12.33 7.62 10.94
N HIS A 123 11.92 8.69 10.24
CA HIS A 123 12.89 9.63 9.65
C HIS A 123 13.58 10.42 10.77
N SER A 124 12.81 10.81 11.78
CA SER A 124 13.35 11.57 12.91
C SER A 124 14.42 10.77 13.65
N LEU A 125 14.38 9.45 13.52
CA LEU A 125 15.34 8.57 14.19
C LEU A 125 16.54 8.20 13.29
N GLY A 126 16.46 8.54 12.01
CA GLY A 126 17.58 8.23 11.13
C GLY A 126 17.34 7.26 10.00
N LEU A 127 16.09 6.89 9.77
CA LEU A 127 15.79 5.96 8.68
C LEU A 127 15.19 6.68 7.49
N PHE A 128 15.63 6.32 6.28
CA PHE A 128 15.06 6.93 5.09
C PHE A 128 14.12 5.89 4.47
N HIS A 129 13.73 6.10 3.22
CA HIS A 129 12.80 5.18 2.57
C HIS A 129 13.39 3.85 2.15
N SER A 130 12.58 2.80 2.25
CA SER A 130 12.98 1.45 1.88
C SER A 130 12.29 1.02 0.60
N ALA A 131 12.94 0.13 -0.15
CA ALA A 131 12.37 -0.40 -1.39
C ALA A 131 11.51 -1.62 -1.06
N ASN A 132 11.61 -2.10 0.17
CA ASN A 132 10.84 -3.26 0.62
C ASN A 132 9.37 -2.84 0.73
N THR A 133 8.52 -3.38 -0.13
CA THR A 133 7.10 -3.03 -0.15
C THR A 133 6.29 -3.28 1.12
N GLU A 134 6.85 -4.02 2.07
CA GLU A 134 6.16 -4.32 3.32
C GLU A 134 6.61 -3.43 4.47
N ALA A 135 7.69 -2.69 4.26
CA ALA A 135 8.25 -1.82 5.30
C ALA A 135 7.44 -0.56 5.59
N LEU A 136 7.41 -0.19 6.88
CA LEU A 136 6.71 1.03 7.28
C LEU A 136 7.43 2.20 6.60
N MET A 137 8.70 2.03 6.27
CA MET A 137 9.44 3.12 5.64
C MET A 137 9.25 3.21 4.12
N TYR A 138 8.40 2.35 3.56
CA TYR A 138 8.12 2.41 2.13
C TYR A 138 7.10 3.57 2.03
N PRO A 139 7.40 4.61 1.25
CA PRO A 139 6.55 5.80 1.07
C PRO A 139 5.22 5.63 0.30
N LEU A 140 4.22 5.02 0.93
CA LEU A 140 2.94 4.84 0.27
C LEU A 140 1.82 4.63 1.27
N TYR A 141 0.88 5.58 1.32
CA TYR A 141 -0.24 5.49 2.25
C TYR A 141 -1.45 4.92 1.52
N HIS A 142 -2.17 4.03 2.18
CA HIS A 142 -3.37 3.43 1.58
C HIS A 142 -4.49 3.45 2.63
N SER A 143 -5.67 3.94 2.24
CA SER A 143 -6.81 4.01 3.16
C SER A 143 -7.29 2.66 3.67
N LEU A 144 -7.01 1.59 2.91
CA LEU A 144 -7.45 0.26 3.31
C LEU A 144 -6.52 -0.50 4.24
N THR A 145 -5.54 0.22 4.83
CA THR A 145 -4.61 -0.42 5.74
C THR A 145 -5.34 -0.85 7.02
N ASP A 146 -5.11 -2.08 7.45
CA ASP A 146 -5.74 -2.61 8.66
C ASP A 146 -4.93 -2.26 9.90
N LEU A 147 -5.42 -1.30 10.69
CA LEU A 147 -4.73 -0.85 11.89
C LEU A 147 -4.55 -1.93 12.96
N THR A 148 -5.49 -2.87 13.04
CA THR A 148 -5.43 -3.93 14.04
C THR A 148 -4.25 -4.89 13.83
N ARG A 149 -3.77 -4.99 12.60
CA ARG A 149 -2.67 -5.88 12.30
C ARG A 149 -1.35 -5.15 12.07
N PHE A 150 -1.30 -3.88 12.47
CA PHE A 150 -0.09 -3.09 12.28
C PHE A 150 1.12 -3.65 13.02
N ARG A 151 2.28 -3.56 12.39
CA ARG A 151 3.53 -4.02 12.98
C ARG A 151 4.70 -3.66 12.07
N LEU A 152 5.89 -3.51 12.66
CA LEU A 152 7.08 -3.18 11.88
C LEU A 152 7.53 -4.41 11.09
N SER A 153 8.07 -4.20 9.89
CA SER A 153 8.55 -5.32 9.09
C SER A 153 9.96 -5.59 9.58
N GLN A 154 10.53 -6.73 9.19
CA GLN A 154 11.88 -7.06 9.62
C GLN A 154 12.87 -6.04 9.09
N ASP A 155 12.56 -5.47 7.92
CA ASP A 155 13.45 -4.47 7.32
C ASP A 155 13.52 -3.21 8.19
N ASP A 156 12.38 -2.81 8.77
CA ASP A 156 12.35 -1.63 9.64
C ASP A 156 13.15 -1.89 10.92
N ILE A 157 12.98 -3.08 11.49
CA ILE A 157 13.68 -3.44 12.72
C ILE A 157 15.18 -3.52 12.48
N ASN A 158 15.57 -4.26 11.45
CA ASN A 158 16.99 -4.39 11.12
C ASN A 158 17.58 -3.00 10.98
N GLY A 159 16.88 -2.14 10.24
CA GLY A 159 17.35 -0.79 10.03
C GLY A 159 17.56 0.04 11.28
N ILE A 160 16.53 0.12 12.11
CA ILE A 160 16.61 0.91 13.34
C ILE A 160 17.62 0.32 14.34
N GLN A 161 17.72 -1.01 14.39
CA GLN A 161 18.65 -1.61 15.33
C GLN A 161 20.09 -1.50 14.81
N SER A 162 20.27 -1.25 13.51
CA SER A 162 21.62 -1.12 12.98
C SER A 162 22.15 0.22 13.47
N LEU A 163 21.24 1.11 13.88
CA LEU A 163 21.63 2.42 14.36
C LEU A 163 21.77 2.52 15.87
N TYR A 164 20.82 1.94 16.61
CA TYR A 164 20.82 2.01 18.06
C TYR A 164 20.93 0.68 18.80
N GLY A 165 20.80 -0.41 18.07
CA GLY A 165 20.89 -1.71 18.69
C GLY A 165 19.52 -2.16 19.20
N PRO A 166 19.39 -3.42 19.62
CA PRO A 166 18.11 -3.93 20.13
C PRO A 166 17.90 -3.55 21.59
N PRO A 167 16.69 -3.79 22.13
CA PRO A 167 16.42 -3.46 23.53
C PRO A 167 17.34 -4.33 24.41
N PRO A 168 17.65 -3.87 25.63
CA PRO A 168 18.52 -4.61 26.54
C PRO A 168 18.00 -6.01 26.89
N ASP A 169 16.69 -6.19 26.85
CA ASP A 169 16.08 -7.47 27.16
C ASP A 169 14.70 -7.56 26.50
N SER A 170 14.10 -8.76 26.54
CA SER A 170 12.79 -8.98 25.96
C SER A 170 11.95 -9.92 26.83
N PRO A 171 10.62 -9.79 26.78
CA PRO A 171 9.72 -10.63 27.57
C PRO A 171 10.05 -12.13 27.44
N PHE B 1 -6.73 7.37 -14.18
CA PHE B 1 -6.58 5.98 -14.68
C PHE B 1 -5.73 5.96 -15.94
N ARG B 2 -5.47 4.77 -16.48
CA ARG B 2 -4.66 4.67 -17.68
C ARG B 2 -5.03 3.43 -18.48
N THR B 3 -5.02 3.56 -19.80
CA THR B 3 -5.35 2.45 -20.68
C THR B 3 -4.07 2.00 -21.40
N PHE B 4 -4.17 0.92 -22.17
CA PHE B 4 -3.03 0.39 -22.91
C PHE B 4 -2.86 1.19 -24.20
N PRO B 5 -1.63 1.20 -24.76
CA PRO B 5 -1.38 1.93 -26.00
C PRO B 5 -2.34 1.46 -27.10
N GLY B 6 -2.94 2.41 -27.81
CA GLY B 6 -3.87 2.05 -28.86
C GLY B 6 -5.28 1.85 -28.34
N ILE B 7 -5.41 1.90 -27.02
CA ILE B 7 -6.69 1.74 -26.33
C ILE B 7 -7.41 0.44 -26.73
N PRO B 8 -6.73 -0.70 -26.55
CA PRO B 8 -7.35 -1.99 -26.89
C PRO B 8 -8.52 -2.30 -25.97
N LYS B 9 -9.59 -2.88 -26.52
CA LYS B 9 -10.75 -3.24 -25.71
C LYS B 9 -11.56 -4.31 -26.46
N TRP B 10 -12.30 -5.12 -25.72
CA TRP B 10 -13.11 -6.17 -26.35
C TRP B 10 -14.24 -5.55 -27.17
N ARG B 11 -14.61 -6.23 -28.25
CA ARG B 11 -15.68 -5.76 -29.12
C ARG B 11 -16.99 -6.49 -28.88
N LYS B 12 -17.22 -6.90 -27.64
CA LYS B 12 -18.45 -7.59 -27.26
C LYS B 12 -18.62 -7.48 -25.75
N THR B 13 -19.87 -7.40 -25.30
CA THR B 13 -20.16 -7.26 -23.87
C THR B 13 -20.17 -8.59 -23.12
N HIS B 14 -20.29 -9.69 -23.85
CA HIS B 14 -20.31 -11.00 -23.22
C HIS B 14 -18.97 -11.71 -23.42
N LEU B 15 -18.25 -11.90 -22.32
CA LEU B 15 -16.94 -12.55 -22.36
C LEU B 15 -16.94 -13.91 -21.67
N THR B 16 -16.04 -14.77 -22.09
CA THR B 16 -15.94 -16.10 -21.51
C THR B 16 -14.59 -16.28 -20.84
N TYR B 17 -14.56 -17.03 -19.74
CA TYR B 17 -13.31 -17.27 -19.05
C TYR B 17 -13.22 -18.75 -18.73
N ARG B 18 -12.02 -19.20 -18.39
CA ARG B 18 -11.79 -20.60 -18.05
C ARG B 18 -10.55 -20.76 -17.16
N ILE B 19 -10.67 -21.62 -16.16
CA ILE B 19 -9.57 -21.90 -15.25
C ILE B 19 -8.88 -23.14 -15.80
N VAL B 20 -7.72 -22.94 -16.43
CA VAL B 20 -6.94 -24.00 -17.06
C VAL B 20 -6.32 -25.01 -16.10
N ASN B 21 -5.91 -24.54 -14.93
CA ASN B 21 -5.34 -25.43 -13.93
C ASN B 21 -5.53 -24.88 -12.52
N TYR B 22 -5.21 -25.70 -11.52
CA TYR B 22 -5.36 -25.31 -10.13
C TYR B 22 -4.11 -25.36 -9.27
N THR B 23 -3.98 -24.39 -8.38
CA THR B 23 -2.84 -24.34 -7.49
C THR B 23 -3.06 -25.30 -6.32
N PRO B 24 -1.98 -25.92 -5.82
CA PRO B 24 -2.09 -26.85 -4.70
C PRO B 24 -2.29 -26.07 -3.39
N ASP B 25 -2.21 -24.74 -3.47
CA ASP B 25 -2.36 -23.87 -2.30
C ASP B 25 -3.74 -23.86 -1.65
N LEU B 26 -4.77 -24.01 -2.47
CA LEU B 26 -6.14 -23.98 -1.97
C LEU B 26 -6.99 -25.04 -2.66
N PRO B 27 -8.17 -25.32 -2.08
CA PRO B 27 -9.06 -26.31 -2.68
C PRO B 27 -9.64 -25.69 -3.96
N LYS B 28 -10.08 -26.53 -4.88
CA LYS B 28 -10.64 -26.04 -6.14
C LYS B 28 -11.77 -25.03 -5.95
N ASP B 29 -12.64 -25.27 -4.98
CA ASP B 29 -13.77 -24.38 -4.74
C ASP B 29 -13.31 -22.96 -4.35
N ALA B 30 -12.27 -22.88 -3.53
CA ALA B 30 -11.74 -21.59 -3.10
C ALA B 30 -11.25 -20.77 -4.28
N VAL B 31 -10.56 -21.43 -5.21
CA VAL B 31 -10.04 -20.77 -6.39
C VAL B 31 -11.17 -20.25 -7.27
N ASP B 32 -12.14 -21.11 -7.56
CA ASP B 32 -13.28 -20.75 -8.39
C ASP B 32 -14.02 -19.53 -7.82
N SER B 33 -14.32 -19.56 -6.52
CA SER B 33 -15.03 -18.47 -5.87
C SER B 33 -14.23 -17.17 -5.94
N ALA B 34 -12.92 -17.26 -5.74
CA ALA B 34 -12.06 -16.08 -5.80
C ALA B 34 -12.15 -15.43 -7.17
N VAL B 35 -12.01 -16.23 -8.22
CA VAL B 35 -12.10 -15.73 -9.59
C VAL B 35 -13.46 -15.14 -9.87
N GLU B 36 -14.50 -15.84 -9.43
CA GLU B 36 -15.88 -15.40 -9.63
C GLU B 36 -16.13 -14.02 -9.02
N LYS B 37 -15.68 -13.84 -7.78
CA LYS B 37 -15.85 -12.56 -7.09
C LYS B 37 -15.04 -11.48 -7.77
N ALA B 38 -13.90 -11.86 -8.34
CA ALA B 38 -13.04 -10.92 -9.04
C ALA B 38 -13.73 -10.40 -10.29
N LEU B 39 -14.42 -11.28 -11.02
CA LEU B 39 -15.11 -10.87 -12.23
C LEU B 39 -16.34 -10.03 -11.91
N LYS B 40 -17.00 -10.37 -10.81
CA LYS B 40 -18.22 -9.69 -10.37
C LYS B 40 -17.99 -8.21 -10.03
N VAL B 41 -16.81 -7.89 -9.53
CA VAL B 41 -16.47 -6.52 -9.17
C VAL B 41 -16.58 -5.60 -10.38
N TRP B 42 -16.11 -6.07 -11.53
CA TRP B 42 -16.18 -5.27 -12.75
C TRP B 42 -17.53 -5.34 -13.42
N GLU B 43 -18.29 -6.41 -13.17
CA GLU B 43 -19.62 -6.54 -13.74
C GLU B 43 -20.58 -5.50 -13.18
N GLU B 44 -20.45 -5.23 -11.89
CA GLU B 44 -21.30 -4.26 -11.21
C GLU B 44 -21.28 -2.86 -11.80
N VAL B 45 -20.14 -2.43 -12.33
CA VAL B 45 -20.03 -1.09 -12.90
C VAL B 45 -19.97 -1.02 -14.42
N THR B 46 -20.28 -2.13 -15.08
CA THR B 46 -20.25 -2.18 -16.54
C THR B 46 -21.37 -3.07 -17.05
N PRO B 47 -21.65 -3.02 -18.37
CA PRO B 47 -22.70 -3.84 -18.98
C PRO B 47 -22.13 -5.20 -19.39
N LEU B 48 -20.90 -5.48 -18.96
CA LEU B 48 -20.25 -6.74 -19.31
C LEU B 48 -20.76 -7.92 -18.48
N THR B 49 -20.84 -9.08 -19.12
CA THR B 49 -21.30 -10.30 -18.46
C THR B 49 -20.29 -11.41 -18.75
N PHE B 50 -20.06 -12.30 -17.79
CA PHE B 50 -19.10 -13.38 -17.96
C PHE B 50 -19.71 -14.77 -17.88
N SER B 51 -19.20 -15.67 -18.70
CA SER B 51 -19.66 -17.06 -18.71
C SER B 51 -18.45 -17.97 -18.63
N ARG B 52 -18.55 -19.01 -17.81
CA ARG B 52 -17.43 -19.94 -17.65
C ARG B 52 -17.48 -21.11 -18.61
N LEU B 53 -16.32 -21.44 -19.18
CA LEU B 53 -16.18 -22.56 -20.10
C LEU B 53 -15.28 -23.59 -19.43
N TYR B 54 -15.53 -24.87 -19.68
CA TYR B 54 -14.74 -25.92 -19.07
C TYR B 54 -13.80 -26.59 -20.07
N GLU B 55 -13.90 -26.20 -21.33
CA GLU B 55 -13.05 -26.73 -22.38
C GLU B 55 -13.03 -25.77 -23.56
N GLY B 56 -12.00 -25.87 -24.40
CA GLY B 56 -11.89 -24.97 -25.53
C GLY B 56 -11.19 -23.69 -25.11
N GLU B 57 -11.00 -22.78 -26.06
CA GLU B 57 -10.33 -21.53 -25.74
C GLU B 57 -11.33 -20.42 -25.44
N ALA B 58 -11.30 -19.93 -24.21
CA ALA B 58 -12.19 -18.85 -23.79
C ALA B 58 -11.44 -17.54 -23.99
N ASP B 59 -12.12 -16.40 -23.89
CA ASP B 59 -11.46 -15.11 -24.07
C ASP B 59 -10.37 -14.91 -23.01
N ILE B 60 -10.73 -15.14 -21.76
CA ILE B 60 -9.81 -14.96 -20.65
C ILE B 60 -9.37 -16.30 -20.05
N MET B 61 -8.19 -16.77 -20.43
CA MET B 61 -7.65 -18.02 -19.91
C MET B 61 -6.89 -17.72 -18.62
N ILE B 62 -7.24 -18.41 -17.54
CA ILE B 62 -6.61 -18.20 -16.24
C ILE B 62 -5.84 -19.45 -15.79
N SER B 63 -4.58 -19.27 -15.41
CA SER B 63 -3.77 -20.40 -14.98
C SER B 63 -2.66 -19.97 -14.00
N PHE B 64 -2.12 -20.95 -13.29
CA PHE B 64 -1.04 -20.74 -12.34
C PHE B 64 0.22 -21.36 -12.96
N ALA B 65 1.36 -20.72 -12.72
CA ALA B 65 2.63 -21.22 -13.24
C ALA B 65 3.79 -20.69 -12.40
N VAL B 66 4.98 -21.23 -12.65
CA VAL B 66 6.18 -20.82 -11.95
C VAL B 66 7.33 -20.69 -12.94
N ARG B 67 8.20 -19.71 -12.70
CA ARG B 67 9.36 -19.48 -13.57
C ARG B 67 8.97 -19.36 -15.05
N GLU B 68 9.74 -19.99 -15.93
CA GLU B 68 9.43 -19.94 -17.36
C GLU B 68 8.19 -20.79 -17.59
N HIS B 69 7.20 -20.23 -18.28
CA HIS B 69 5.96 -20.97 -18.52
C HIS B 69 5.33 -20.83 -19.90
N GLY B 70 6.11 -20.44 -20.90
CA GLY B 70 5.56 -20.33 -22.23
C GLY B 70 5.52 -18.95 -22.88
N ASP B 71 5.64 -17.88 -22.10
CA ASP B 71 5.62 -16.54 -22.69
C ASP B 71 6.93 -15.79 -22.48
N PHE B 72 6.97 -14.54 -22.94
CA PHE B 72 8.18 -13.72 -22.83
C PHE B 72 8.39 -13.16 -21.43
N TYR B 73 7.50 -13.50 -20.50
CA TYR B 73 7.61 -12.99 -19.14
C TYR B 73 7.63 -14.09 -18.09
N PRO B 74 8.80 -14.69 -17.85
CA PRO B 74 8.89 -15.76 -16.84
C PRO B 74 8.74 -15.20 -15.42
N PHE B 75 8.16 -16.00 -14.53
CA PHE B 75 7.98 -15.57 -13.16
C PHE B 75 9.33 -15.58 -12.43
N ASP B 76 9.37 -14.90 -11.29
CA ASP B 76 10.60 -14.75 -10.52
C ASP B 76 10.66 -15.45 -9.16
N GLY B 77 9.77 -16.39 -8.91
CA GLY B 77 9.79 -17.08 -7.62
C GLY B 77 9.09 -16.28 -6.54
N PRO B 78 9.24 -16.66 -5.27
CA PRO B 78 8.59 -15.97 -4.15
C PRO B 78 8.80 -14.45 -4.12
N GLY B 79 7.70 -13.72 -3.97
CA GLY B 79 7.77 -12.27 -3.91
C GLY B 79 7.86 -11.59 -5.26
N ASN B 80 8.16 -10.29 -5.24
CA ASN B 80 8.28 -9.51 -6.45
C ASN B 80 7.02 -9.59 -7.32
N VAL B 81 7.13 -10.05 -8.55
CA VAL B 81 5.95 -10.15 -9.39
C VAL B 81 5.03 -11.27 -8.88
N LEU B 82 3.75 -10.94 -8.72
CA LEU B 82 2.77 -11.89 -8.23
C LEU B 82 1.94 -12.52 -9.35
N ALA B 83 1.74 -11.76 -10.42
CA ALA B 83 0.94 -12.21 -11.56
C ALA B 83 1.01 -11.18 -12.69
N HIS B 84 0.54 -11.56 -13.86
CA HIS B 84 0.51 -10.64 -14.99
C HIS B 84 -0.59 -11.04 -15.96
N ALA B 85 -1.12 -10.06 -16.67
CA ALA B 85 -2.20 -10.28 -17.61
C ALA B 85 -1.94 -9.51 -18.90
N TYR B 86 -2.69 -9.86 -19.94
CA TYR B 86 -2.53 -9.23 -21.24
C TYR B 86 -3.76 -8.40 -21.61
N ALA B 87 -3.53 -7.35 -22.40
CA ALA B 87 -4.60 -6.47 -22.84
C ALA B 87 -5.60 -7.22 -23.72
N PRO B 88 -6.82 -6.66 -23.89
CA PRO B 88 -7.86 -7.30 -24.70
C PRO B 88 -7.38 -7.65 -26.10
N GLY B 89 -7.78 -8.83 -26.57
CA GLY B 89 -7.37 -9.29 -27.89
C GLY B 89 -7.45 -10.80 -27.99
N PRO B 90 -7.18 -11.35 -29.18
CA PRO B 90 -7.22 -12.80 -29.39
C PRO B 90 -5.97 -13.51 -28.87
N GLY B 91 -6.07 -14.82 -28.72
CA GLY B 91 -4.94 -15.59 -28.25
C GLY B 91 -4.52 -15.31 -26.81
N ILE B 92 -3.21 -15.17 -26.61
CA ILE B 92 -2.67 -14.92 -25.28
C ILE B 92 -3.27 -13.66 -24.65
N ASN B 93 -3.66 -12.70 -25.49
CA ASN B 93 -4.25 -11.46 -24.99
C ASN B 93 -5.50 -11.74 -24.17
N GLY B 94 -5.67 -10.98 -23.09
CA GLY B 94 -6.81 -11.17 -22.22
C GLY B 94 -6.56 -12.21 -21.13
N ASP B 95 -5.54 -13.04 -21.32
CA ASP B 95 -5.20 -14.08 -20.35
C ASP B 95 -4.50 -13.54 -19.11
N ALA B 96 -4.63 -14.26 -18.00
CA ALA B 96 -4.02 -13.89 -16.74
C ALA B 96 -3.26 -15.08 -16.14
N HIS B 97 -2.03 -14.85 -15.71
CA HIS B 97 -1.21 -15.90 -15.13
C HIS B 97 -0.83 -15.53 -13.70
N PHE B 98 -0.87 -16.52 -12.80
CA PHE B 98 -0.53 -16.28 -11.41
C PHE B 98 0.71 -17.05 -11.01
N ASP B 99 1.67 -16.34 -10.42
CA ASP B 99 2.91 -16.97 -9.98
C ASP B 99 2.61 -17.90 -8.82
N ASP B 100 2.65 -19.21 -9.06
CA ASP B 100 2.36 -20.16 -8.00
C ASP B 100 3.50 -20.30 -6.99
N ASP B 101 4.55 -19.49 -7.12
CA ASP B 101 5.62 -19.54 -6.14
C ASP B 101 5.20 -18.66 -4.98
N GLU B 102 4.02 -18.05 -5.11
CA GLU B 102 3.45 -17.23 -4.05
C GLU B 102 2.52 -18.17 -3.30
N GLN B 103 2.20 -17.83 -2.05
CA GLN B 103 1.30 -18.64 -1.24
C GLN B 103 -0.08 -18.02 -1.32
N TRP B 104 -0.93 -18.52 -2.22
CA TRP B 104 -2.27 -17.97 -2.40
C TRP B 104 -3.21 -18.40 -1.28
N THR B 105 -3.85 -17.41 -0.65
CA THR B 105 -4.76 -17.66 0.46
C THR B 105 -6.11 -17.01 0.22
N LYS B 106 -7.13 -17.49 0.93
CA LYS B 106 -8.47 -16.92 0.80
C LYS B 106 -8.64 -15.69 1.68
N ASP B 107 -7.68 -15.48 2.57
CA ASP B 107 -7.69 -14.33 3.49
C ASP B 107 -6.39 -13.57 3.29
N THR B 108 -5.96 -12.82 4.31
CA THR B 108 -4.72 -12.04 4.20
C THR B 108 -3.51 -12.65 4.90
N THR B 109 -3.60 -13.91 5.29
CA THR B 109 -2.49 -14.58 5.96
C THR B 109 -1.34 -14.77 4.98
N GLY B 110 -1.66 -14.68 3.69
CA GLY B 110 -0.66 -14.84 2.65
C GLY B 110 -1.01 -13.87 1.53
N THR B 111 -0.82 -14.30 0.28
CA THR B 111 -1.15 -13.43 -0.84
C THR B 111 -2.60 -13.72 -1.21
N ASN B 112 -3.48 -12.75 -0.98
CA ASN B 112 -4.90 -12.91 -1.27
C ASN B 112 -5.15 -13.04 -2.76
N LEU B 113 -5.71 -14.18 -3.16
CA LEU B 113 -5.99 -14.44 -4.57
C LEU B 113 -7.05 -13.49 -5.14
N PHE B 114 -8.11 -13.26 -4.37
CA PHE B 114 -9.20 -12.38 -4.80
C PHE B 114 -8.71 -11.00 -5.25
N LEU B 115 -7.99 -10.31 -4.37
CA LEU B 115 -7.49 -8.97 -4.67
C LEU B 115 -6.57 -8.94 -5.90
N VAL B 116 -5.58 -9.83 -5.94
CA VAL B 116 -4.66 -9.86 -7.07
C VAL B 116 -5.41 -10.16 -8.36
N ALA B 117 -6.37 -11.08 -8.29
CA ALA B 117 -7.17 -11.45 -9.45
C ALA B 117 -8.02 -10.29 -9.96
N ALA B 118 -8.57 -9.52 -9.03
CA ALA B 118 -9.40 -8.37 -9.39
C ALA B 118 -8.56 -7.39 -10.18
N HIS B 119 -7.31 -7.22 -9.76
CA HIS B 119 -6.36 -6.33 -10.42
C HIS B 119 -6.04 -6.84 -11.82
N GLU B 120 -5.73 -8.14 -11.91
CA GLU B 120 -5.40 -8.77 -13.18
C GLU B 120 -6.55 -8.70 -14.19
N ILE B 121 -7.78 -8.91 -13.72
CA ILE B 121 -8.93 -8.85 -14.60
C ILE B 121 -9.03 -7.43 -15.18
N GLY B 122 -8.60 -6.45 -14.39
CA GLY B 122 -8.63 -5.07 -14.85
C GLY B 122 -7.77 -4.93 -16.11
N HIS B 123 -6.60 -5.59 -16.09
CA HIS B 123 -5.71 -5.55 -17.24
C HIS B 123 -6.34 -6.29 -18.40
N SER B 124 -6.98 -7.42 -18.11
CA SER B 124 -7.63 -8.22 -19.15
C SER B 124 -8.79 -7.48 -19.82
N LEU B 125 -9.33 -6.48 -19.13
CA LEU B 125 -10.43 -5.70 -19.65
C LEU B 125 -10.00 -4.44 -20.41
N GLY B 126 -8.72 -4.09 -20.30
CA GLY B 126 -8.22 -2.93 -21.01
C GLY B 126 -7.63 -1.81 -20.17
N LEU B 127 -7.56 -2.01 -18.87
CA LEU B 127 -7.00 -0.97 -18.01
C LEU B 127 -5.56 -1.25 -17.63
N PHE B 128 -4.71 -0.24 -17.74
CA PHE B 128 -3.32 -0.38 -17.36
C PHE B 128 -3.19 0.12 -15.93
N HIS B 129 -1.96 0.38 -15.46
CA HIS B 129 -1.72 0.86 -14.11
C HIS B 129 -2.04 2.34 -13.94
N SER B 130 -2.82 2.65 -12.92
CA SER B 130 -3.22 4.02 -12.63
C SER B 130 -2.19 4.71 -11.76
N ALA B 131 -2.19 6.04 -11.80
CA ALA B 131 -1.28 6.85 -11.01
C ALA B 131 -1.94 7.14 -9.66
N ASN B 132 -3.25 6.91 -9.58
CA ASN B 132 -3.99 7.14 -8.35
C ASN B 132 -3.63 6.06 -7.33
N THR B 133 -3.06 6.48 -6.21
CA THR B 133 -2.62 5.56 -5.17
C THR B 133 -3.74 4.79 -4.48
N GLU B 134 -4.97 5.22 -4.67
CA GLU B 134 -6.10 4.53 -4.04
C GLU B 134 -6.76 3.52 -4.97
N ALA B 135 -6.42 3.60 -6.27
CA ALA B 135 -7.02 2.71 -7.26
C ALA B 135 -6.58 1.25 -7.16
N LEU B 136 -7.48 0.35 -7.53
CA LEU B 136 -7.17 -1.06 -7.49
C LEU B 136 -6.06 -1.32 -8.51
N MET B 137 -6.05 -0.52 -9.57
CA MET B 137 -5.06 -0.67 -10.63
C MET B 137 -3.67 -0.08 -10.35
N TYR B 138 -3.43 0.37 -9.12
CA TYR B 138 -2.12 0.89 -8.74
C TYR B 138 -1.33 -0.37 -8.39
N PRO B 139 -0.19 -0.61 -9.07
CA PRO B 139 0.66 -1.78 -8.87
C PRO B 139 1.38 -1.94 -7.52
N LEU B 140 0.63 -2.23 -6.47
CA LEU B 140 1.26 -2.42 -5.17
C LEU B 140 0.38 -3.25 -4.26
N TYR B 141 0.91 -4.39 -3.81
CA TYR B 141 0.18 -5.26 -2.90
C TYR B 141 0.78 -5.12 -1.51
N HIS B 142 -0.08 -5.00 -0.50
CA HIS B 142 0.35 -4.88 0.88
C HIS B 142 -0.40 -5.91 1.72
N SER B 143 0.32 -6.69 2.51
CA SER B 143 -0.28 -7.72 3.34
C SER B 143 -1.31 -7.21 4.35
N LEU B 144 -1.14 -5.98 4.81
CA LEU B 144 -2.04 -5.38 5.80
C LEU B 144 -3.28 -4.71 5.20
N THR B 145 -3.72 -5.20 4.04
CA THR B 145 -4.90 -4.63 3.40
C THR B 145 -6.15 -5.20 4.06
N ASP B 146 -7.09 -4.33 4.40
CA ASP B 146 -8.34 -4.74 5.04
C ASP B 146 -9.32 -5.17 3.96
N LEU B 147 -9.41 -6.48 3.77
CA LEU B 147 -10.28 -7.07 2.77
C LEU B 147 -11.76 -6.75 2.96
N THR B 148 -12.19 -6.65 4.21
CA THR B 148 -13.60 -6.36 4.49
C THR B 148 -14.04 -4.97 4.05
N ARG B 149 -13.10 -4.08 3.79
CA ARG B 149 -13.43 -2.73 3.37
C ARG B 149 -13.14 -2.44 1.90
N PHE B 150 -12.75 -3.46 1.15
CA PHE B 150 -12.43 -3.28 -0.26
C PHE B 150 -13.58 -2.74 -1.10
N ARG B 151 -13.28 -1.74 -1.92
CA ARG B 151 -14.27 -1.12 -2.79
C ARG B 151 -13.50 -0.47 -3.95
N LEU B 152 -13.99 -0.63 -5.17
CA LEU B 152 -13.33 -0.01 -6.31
C LEU B 152 -13.33 1.50 -6.14
N SER B 153 -12.18 2.13 -6.36
CA SER B 153 -12.09 3.59 -6.25
C SER B 153 -12.85 4.19 -7.41
N GLN B 154 -13.15 5.48 -7.34
CA GLN B 154 -13.87 6.13 -8.41
C GLN B 154 -13.00 6.15 -9.67
N ASP B 155 -11.69 6.14 -9.47
CA ASP B 155 -10.76 6.15 -10.58
C ASP B 155 -10.90 4.89 -11.43
N ASP B 156 -11.04 3.74 -10.76
CA ASP B 156 -11.19 2.47 -11.46
C ASP B 156 -12.50 2.46 -12.24
N ILE B 157 -13.55 3.01 -11.64
CA ILE B 157 -14.85 3.06 -12.27
C ILE B 157 -14.84 3.98 -13.49
N ASN B 158 -14.26 5.17 -13.33
CA ASN B 158 -14.17 6.12 -14.43
C ASN B 158 -13.40 5.48 -15.59
N GLY B 159 -12.32 4.79 -15.28
CA GLY B 159 -11.52 4.17 -16.32
C GLY B 159 -12.21 3.05 -17.07
N ILE B 160 -12.86 2.15 -16.34
CA ILE B 160 -13.54 1.02 -16.97
C ILE B 160 -14.80 1.45 -17.72
N GLN B 161 -15.45 2.52 -17.27
CA GLN B 161 -16.66 2.99 -17.93
C GLN B 161 -16.35 3.83 -19.17
N SER B 162 -15.11 4.30 -19.27
CA SER B 162 -14.68 5.09 -20.41
C SER B 162 -14.44 4.17 -21.60
N LEU B 163 -14.41 2.87 -21.32
CA LEU B 163 -14.17 1.87 -22.36
C LEU B 163 -15.45 1.14 -22.75
N TYR B 164 -16.26 0.77 -21.74
CA TYR B 164 -17.48 0.03 -22.00
C TYR B 164 -18.75 0.74 -21.56
N GLY B 165 -18.59 1.87 -20.88
CA GLY B 165 -19.74 2.62 -20.42
C GLY B 165 -20.31 2.07 -19.13
N PRO B 166 -21.33 2.74 -18.56
CA PRO B 166 -21.99 2.32 -17.32
C PRO B 166 -23.03 1.22 -17.53
N PRO B 167 -23.54 0.63 -16.44
CA PRO B 167 -24.54 -0.44 -16.53
C PRO B 167 -25.84 0.06 -17.17
N PRO B 168 -26.64 -0.86 -17.73
CA PRO B 168 -27.91 -0.50 -18.37
C PRO B 168 -28.97 -0.08 -17.36
#